data_6C2S
#
_entry.id   6C2S
#
_cell.length_a   135.580
_cell.length_b   58.750
_cell.length_c   168.090
_cell.angle_alpha   90.00
_cell.angle_beta   105.02
_cell.angle_gamma   90.00
#
_symmetry.space_group_name_H-M   'C 1 2 1'
#
loop_
_entity.id
_entity.type
_entity.pdbx_description
1 polymer 'Transcriptional regulator, MarR family'
2 polymer 23-mer
3 polymer 23-mer
4 water water
#
loop_
_entity_poly.entity_id
_entity_poly.type
_entity_poly.pdbx_seq_one_letter_code
_entity_poly.pdbx_strand_id
1 'polypeptide(L)'
;SGSMTSSNRITSPAMTASKTAAVAKPTRAGRKAPAVETAPEASELKMGELSELLGYALKRAQLRVFEDFLHCVAPVQLTP
AQFSVLLLLDANPGRNQTEIATTLGILRPNFVAMLDALEGRGLCVRTRSPSDRRSHILMLTDKGRATLARAKKLVATRHE
DRLTELLGRDNRDALLSMLATIAREF
;
A,B,C,D
2 'polydeoxyribonucleotide'
;(DT)(DA)(DT)(DT)(DG)(DT)(DT)(DA)(DT)(DA)(DC)(DT)(DC)(DT)(DA)(DT)(DA)(DA)(DC)(DT)
(DA)(DT)(DA)
;
U,X
3 'polydeoxyribonucleotide'
;(DT)(DA)(DT)(DA)(DG)(DT)(DT)(DA)(DT)(DA)(DG)(DA)(DG)(DT)(DA)(DT)(DA)(DA)(DC)(DA)
(DA)(DT)(DA)
;
V,Y
#
# COMPACT_ATOMS: atom_id res chain seq x y z
N SER A 43 -35.41 -30.96 24.93
CA SER A 43 -34.07 -30.39 25.07
C SER A 43 -33.53 -29.79 23.74
N GLU A 44 -34.26 -29.96 22.64
CA GLU A 44 -33.98 -29.22 21.40
C GLU A 44 -35.16 -28.29 21.11
N LEU A 45 -34.86 -27.08 20.60
CA LEU A 45 -35.90 -26.06 20.45
C LEU A 45 -36.62 -26.20 19.11
N LYS A 46 -37.92 -25.85 19.10
CA LYS A 46 -38.74 -25.92 17.90
C LYS A 46 -38.50 -24.70 17.03
N MET A 47 -38.19 -24.92 15.77
CA MET A 47 -37.84 -23.78 14.93
C MET A 47 -39.07 -23.04 14.44
N GLY A 48 -40.26 -23.51 14.79
CA GLY A 48 -41.48 -22.78 14.54
C GLY A 48 -41.64 -22.42 13.08
N GLU A 49 -42.17 -21.22 12.85
CA GLU A 49 -42.39 -20.75 11.49
C GLU A 49 -41.10 -20.30 10.80
N LEU A 50 -39.99 -20.22 11.53
CA LEU A 50 -38.73 -19.79 10.92
C LEU A 50 -38.32 -20.70 9.77
N SER A 51 -38.68 -21.97 9.84
CA SER A 51 -38.33 -22.89 8.77
C SER A 51 -38.90 -22.47 7.43
N GLU A 52 -39.95 -21.65 7.41
CA GLU A 52 -40.60 -21.23 6.17
C GLU A 52 -40.27 -19.80 5.73
N LEU A 53 -39.48 -19.05 6.49
CA LEU A 53 -39.10 -17.71 6.05
C LEU A 53 -37.90 -17.81 5.12
N LEU A 54 -38.07 -17.33 3.87
CA LEU A 54 -37.02 -17.50 2.90
C LEU A 54 -35.82 -16.62 3.22
N GLY A 55 -36.05 -15.37 3.66
CA GLY A 55 -34.94 -14.53 4.09
C GLY A 55 -34.02 -15.23 5.07
N TYR A 56 -34.61 -15.82 6.11
CA TYR A 56 -33.82 -16.52 7.12
C TYR A 56 -32.99 -17.63 6.52
N ALA A 57 -33.59 -18.44 5.63
CA ALA A 57 -32.84 -19.56 5.05
C ALA A 57 -31.65 -19.05 4.26
N LEU A 58 -31.84 -17.94 3.55
CA LEU A 58 -30.77 -17.29 2.81
C LEU A 58 -29.64 -16.85 3.74
N LYS A 59 -29.91 -16.24 4.87
CA LYS A 59 -28.72 -15.83 5.59
C LYS A 59 -27.92 -16.98 6.07
N ARG A 60 -28.54 -17.97 6.70
CA ARG A 60 -27.73 -19.05 7.23
C ARG A 60 -27.14 -19.89 6.08
N ALA A 61 -27.83 -19.92 4.94
CA ALA A 61 -27.21 -20.49 3.74
C ALA A 61 -26.05 -19.65 3.25
N GLN A 62 -26.17 -18.32 3.29
CA GLN A 62 -25.07 -17.47 2.86
C GLN A 62 -23.87 -17.60 3.79
N LEU A 63 -24.12 -17.63 5.11
CA LEU A 63 -23.01 -17.58 6.07
C LEU A 63 -22.16 -18.85 6.02
N ARG A 64 -22.78 -20.02 5.88
CA ARG A 64 -21.94 -21.22 5.78
C ARG A 64 -21.18 -21.25 4.46
N VAL A 65 -21.82 -20.84 3.37
CA VAL A 65 -21.11 -20.84 2.09
C VAL A 65 -19.91 -19.90 2.17
N PHE A 66 -20.11 -18.71 2.74
CA PHE A 66 -18.97 -17.80 2.89
C PHE A 66 -17.91 -18.41 3.80
N GLU A 67 -18.32 -18.99 4.93
CA GLU A 67 -17.38 -19.63 5.83
C GLU A 67 -16.59 -20.73 5.11
N ASP A 68 -17.27 -21.56 4.33
CA ASP A 68 -16.57 -22.58 3.58
C ASP A 68 -15.64 -21.97 2.55
N PHE A 69 -16.05 -20.85 1.92
CA PHE A 69 -15.19 -20.16 0.96
C PHE A 69 -13.89 -19.74 1.61
N LEU A 70 -13.96 -19.09 2.78
CA LEU A 70 -12.75 -18.67 3.47
C LEU A 70 -11.80 -19.85 3.72
N HIS A 71 -12.35 -20.98 4.19
CA HIS A 71 -11.50 -22.15 4.43
C HIS A 71 -10.84 -22.67 3.16
N CYS A 72 -11.64 -22.98 2.13
CA CYS A 72 -11.08 -23.59 0.92
C CYS A 72 -10.01 -22.71 0.30
N VAL A 73 -10.19 -21.39 0.33
CA VAL A 73 -9.32 -20.47 -0.39
C VAL A 73 -8.21 -19.92 0.49
N ALA A 74 -8.12 -20.33 1.75
CA ALA A 74 -7.11 -19.78 2.66
C ALA A 74 -5.66 -19.93 2.19
N PRO A 75 -5.28 -20.92 1.37
CA PRO A 75 -3.90 -20.90 0.83
C PRO A 75 -3.50 -19.64 0.08
N VAL A 76 -4.41 -18.89 -0.56
CA VAL A 76 -4.04 -17.64 -1.23
C VAL A 76 -4.44 -16.37 -0.46
N GLN A 77 -5.18 -16.51 0.66
CA GLN A 77 -5.54 -15.40 1.53
C GLN A 77 -6.33 -14.32 0.76
N LEU A 78 -7.56 -14.69 0.41
CA LEU A 78 -8.49 -13.79 -0.24
C LEU A 78 -9.86 -13.99 0.39
N THR A 79 -10.47 -12.93 0.87
CA THR A 79 -11.88 -12.99 1.23
C THR A 79 -12.72 -13.09 -0.04
N PRO A 80 -13.99 -13.47 0.09
CA PRO A 80 -14.86 -13.46 -1.10
C PRO A 80 -14.92 -12.12 -1.80
N ALA A 81 -14.95 -11.02 -1.05
CA ALA A 81 -14.94 -9.69 -1.66
C ALA A 81 -13.66 -9.48 -2.44
N GLN A 82 -12.50 -9.79 -1.84
CA GLN A 82 -11.24 -9.63 -2.56
C GLN A 82 -11.21 -10.49 -3.80
N PHE A 83 -11.70 -11.72 -3.68
CA PHE A 83 -11.76 -12.61 -4.84
C PHE A 83 -12.55 -11.99 -5.98
N SER A 84 -13.76 -11.50 -5.69
CA SER A 84 -14.57 -10.92 -6.76
C SER A 84 -13.89 -9.69 -7.35
N VAL A 85 -13.21 -8.88 -6.53
CA VAL A 85 -12.50 -7.73 -7.09
C VAL A 85 -11.46 -8.19 -8.10
N LEU A 86 -10.74 -9.28 -7.81
CA LEU A 86 -9.80 -9.81 -8.79
C LEU A 86 -10.52 -10.34 -10.02
N LEU A 87 -11.65 -11.01 -9.82
CA LEU A 87 -12.41 -11.56 -10.93
C LEU A 87 -12.92 -10.47 -11.87
N LEU A 88 -13.44 -9.37 -11.30
CA LEU A 88 -13.95 -8.28 -12.11
C LEU A 88 -12.82 -7.55 -12.81
N LEU A 89 -11.71 -7.35 -12.11
CA LEU A 89 -10.55 -6.74 -12.75
C LEU A 89 -10.09 -7.58 -13.94
N ASP A 90 -10.16 -8.91 -13.82
CA ASP A 90 -9.75 -9.80 -14.91
C ASP A 90 -10.68 -9.71 -16.11
N ALA A 91 -12.00 -9.62 -15.88
CA ALA A 91 -12.95 -9.54 -16.99
C ALA A 91 -12.98 -8.17 -17.66
N ASN A 92 -12.72 -7.09 -16.92
CA ASN A 92 -12.91 -5.73 -17.44
C ASN A 92 -11.66 -4.93 -17.16
N PRO A 93 -10.58 -5.16 -17.93
CA PRO A 93 -9.40 -4.32 -17.75
C PRO A 93 -9.67 -2.92 -18.27
N GLY A 94 -8.94 -1.96 -17.70
CA GLY A 94 -9.03 -0.59 -18.10
C GLY A 94 -10.09 0.23 -17.39
N ARG A 95 -10.92 -0.38 -16.54
CA ARG A 95 -11.94 0.42 -15.89
C ARG A 95 -11.36 1.09 -14.64
N ASN A 96 -12.12 2.01 -14.04
CA ASN A 96 -11.63 2.75 -12.88
C ASN A 96 -12.31 2.32 -11.57
N GLN A 97 -11.91 2.95 -10.47
CA GLN A 97 -12.44 2.59 -9.16
C GLN A 97 -13.95 2.75 -9.12
N THR A 98 -14.45 3.91 -9.54
CA THR A 98 -15.90 4.13 -9.45
C THR A 98 -16.67 3.02 -10.15
N GLU A 99 -16.19 2.57 -11.32
CA GLU A 99 -16.90 1.57 -12.12
C GLU A 99 -16.84 0.17 -11.52
N ILE A 100 -15.65 -0.26 -11.10
CA ILE A 100 -15.49 -1.56 -10.46
C ILE A 100 -16.29 -1.62 -9.17
N ALA A 101 -16.14 -0.61 -8.32
CA ALA A 101 -16.82 -0.58 -7.03
C ALA A 101 -18.34 -0.62 -7.20
N THR A 102 -18.89 0.16 -8.14
CA THR A 102 -20.35 0.18 -8.25
C THR A 102 -20.88 -1.17 -8.76
N THR A 103 -20.19 -1.79 -9.71
CA THR A 103 -20.71 -3.04 -10.24
C THR A 103 -20.73 -4.12 -9.17
N LEU A 104 -19.90 -3.96 -8.15
CA LEU A 104 -19.79 -4.89 -7.05
C LEU A 104 -20.68 -4.52 -5.89
N GLY A 105 -21.35 -3.38 -5.93
CA GLY A 105 -22.13 -2.97 -4.79
C GLY A 105 -21.34 -2.32 -3.67
N ILE A 106 -20.05 -2.12 -3.86
CA ILE A 106 -19.19 -1.45 -2.89
C ILE A 106 -19.29 0.06 -3.06
N LEU A 107 -19.48 0.77 -1.95
CA LEU A 107 -19.43 2.23 -2.04
C LEU A 107 -17.99 2.68 -2.22
N ARG A 108 -17.81 3.83 -2.92
CA ARG A 108 -16.46 4.24 -3.29
C ARG A 108 -15.60 4.66 -2.09
N PRO A 109 -16.16 5.28 -1.04
CA PRO A 109 -15.34 5.49 0.17
C PRO A 109 -14.85 4.18 0.84
N ASN A 110 -15.65 3.11 0.81
CA ASN A 110 -15.23 1.80 1.35
C ASN A 110 -14.33 1.01 0.40
N PHE A 111 -14.33 1.33 -0.89
CA PHE A 111 -13.50 0.63 -1.86
C PHE A 111 -12.04 1.04 -1.81
N VAL A 112 -11.74 2.23 -1.30
CA VAL A 112 -10.38 2.73 -1.30
C VAL A 112 -9.51 1.80 -0.48
N ALA A 113 -9.97 1.48 0.73
CA ALA A 113 -9.22 0.60 1.63
C ALA A 113 -9.05 -0.82 1.06
N MET A 114 -10.06 -1.35 0.35
CA MET A 114 -9.87 -2.67 -0.28
C MET A 114 -8.76 -2.64 -1.33
N LEU A 115 -8.71 -1.59 -2.15
CA LEU A 115 -7.71 -1.54 -3.20
C LEU A 115 -6.31 -1.41 -2.62
N ASP A 116 -6.16 -0.56 -1.60
CA ASP A 116 -4.88 -0.46 -0.89
C ASP A 116 -4.35 -1.83 -0.47
N ALA A 117 -5.23 -2.71 0.06
CA ALA A 117 -4.80 -4.06 0.42
C ALA A 117 -4.26 -4.80 -0.80
N LEU A 118 -5.09 -4.93 -1.83
CA LEU A 118 -4.67 -5.67 -3.01
C LEU A 118 -3.46 -5.04 -3.68
N GLU A 119 -3.43 -3.71 -3.80
CA GLU A 119 -2.29 -3.05 -4.43
C GLU A 119 -1.05 -3.15 -3.55
N GLY A 120 -1.23 -3.06 -2.23
CA GLY A 120 -0.11 -3.27 -1.32
C GLY A 120 0.47 -4.67 -1.44
N ARG A 121 -0.38 -5.67 -1.65
CA ARG A 121 0.07 -7.05 -1.87
C ARG A 121 0.56 -7.29 -3.30
N GLY A 122 0.66 -6.25 -4.11
CA GLY A 122 1.15 -6.35 -5.48
C GLY A 122 0.30 -7.15 -6.44
N LEU A 123 -1.01 -7.22 -6.22
CA LEU A 123 -1.92 -7.94 -7.09
C LEU A 123 -2.60 -7.06 -8.13
N CYS A 124 -2.61 -5.74 -7.96
CA CYS A 124 -3.17 -4.86 -8.99
C CYS A 124 -2.48 -3.50 -8.92
N VAL A 125 -2.70 -2.68 -9.96
CA VAL A 125 -2.06 -1.36 -10.02
C VAL A 125 -3.10 -0.29 -10.30
N ARG A 126 -2.93 0.84 -9.65
CA ARG A 126 -3.66 2.04 -9.99
C ARG A 126 -2.73 2.85 -10.89
N THR A 127 -3.18 3.18 -12.09
CA THR A 127 -2.44 4.08 -12.96
C THR A 127 -3.38 5.19 -13.38
N ARG A 128 -2.90 6.44 -13.38
CA ARG A 128 -3.74 7.55 -13.78
C ARG A 128 -4.03 7.46 -15.27
N SER A 129 -5.30 7.62 -15.64
CA SER A 129 -5.66 7.64 -17.06
C SER A 129 -5.12 8.92 -17.68
N PRO A 130 -4.39 8.85 -18.79
CA PRO A 130 -3.91 10.09 -19.43
C PRO A 130 -5.03 11.00 -19.90
N SER A 131 -6.15 10.41 -20.34
CA SER A 131 -7.30 11.16 -20.83
C SER A 131 -7.87 12.08 -19.75
N ASP A 132 -8.25 11.50 -18.63
CA ASP A 132 -8.94 12.17 -17.52
C ASP A 132 -8.14 11.82 -16.27
N ARG A 133 -7.23 12.70 -15.87
CA ARG A 133 -6.35 12.41 -14.76
C ARG A 133 -7.02 12.57 -13.40
N ARG A 134 -8.35 12.65 -13.36
CA ARG A 134 -9.02 12.47 -12.09
C ARG A 134 -9.10 11.02 -11.65
N SER A 135 -9.23 10.10 -12.61
CA SER A 135 -9.52 8.70 -12.34
C SER A 135 -8.28 7.81 -12.42
N HIS A 136 -8.36 6.67 -11.73
CA HIS A 136 -7.34 5.64 -11.67
C HIS A 136 -7.84 4.45 -12.47
N ILE A 137 -7.17 4.11 -13.56
CA ILE A 137 -7.55 2.90 -14.27
C ILE A 137 -6.86 1.73 -13.59
N LEU A 138 -7.60 0.62 -13.44
CA LEU A 138 -7.18 -0.50 -12.62
C LEU A 138 -6.92 -1.72 -13.45
N MET A 139 -5.73 -2.27 -13.28
CA MET A 139 -5.33 -3.44 -14.02
C MET A 139 -4.59 -4.37 -13.12
N LEU A 140 -4.63 -5.65 -13.43
CA LEU A 140 -3.98 -6.71 -12.64
C LEU A 140 -2.48 -6.78 -12.92
N THR A 141 -1.74 -7.20 -11.90
CA THR A 141 -0.34 -7.53 -12.08
C THR A 141 -0.23 -8.98 -12.54
N ASP A 142 1.00 -9.38 -12.88
CA ASP A 142 1.25 -10.78 -13.17
C ASP A 142 1.04 -11.64 -11.93
N LYS A 143 1.54 -11.18 -10.78
CA LYS A 143 1.28 -11.88 -9.53
C LYS A 143 -0.21 -12.02 -9.30
N GLY A 144 -0.96 -10.93 -9.53
CA GLY A 144 -2.40 -10.99 -9.38
C GLY A 144 -3.04 -12.01 -10.29
N ARG A 145 -2.59 -12.08 -11.54
CA ARG A 145 -3.15 -13.05 -12.47
C ARG A 145 -2.82 -14.47 -12.02
N ALA A 146 -1.64 -14.69 -11.46
CA ALA A 146 -1.32 -16.02 -10.95
C ALA A 146 -2.17 -16.37 -9.74
N THR A 147 -2.25 -15.46 -8.76
CA THR A 147 -3.07 -15.63 -7.57
C THR A 147 -4.54 -15.81 -7.90
N LEU A 148 -5.03 -15.11 -8.91
CA LEU A 148 -6.39 -15.36 -9.37
C LEU A 148 -6.51 -16.74 -9.99
N ALA A 149 -5.47 -17.18 -10.71
CA ALA A 149 -5.50 -18.50 -11.32
C ALA A 149 -5.60 -19.62 -10.27
N ARG A 150 -4.71 -19.63 -9.26
CA ARG A 150 -4.78 -20.71 -8.29
C ARG A 150 -5.99 -20.57 -7.39
N ALA A 151 -6.37 -19.33 -7.07
CA ALA A 151 -7.59 -19.17 -6.29
C ALA A 151 -8.78 -19.75 -7.03
N LYS A 152 -8.87 -19.49 -8.34
CA LYS A 152 -9.94 -20.07 -9.16
C LYS A 152 -9.97 -21.61 -9.08
N LYS A 153 -8.80 -22.25 -8.97
CA LYS A 153 -8.78 -23.70 -8.87
C LYS A 153 -9.31 -24.17 -7.51
N LEU A 154 -8.80 -23.59 -6.42
CA LEU A 154 -9.32 -23.94 -5.11
C LEU A 154 -10.81 -23.66 -5.00
N VAL A 155 -11.31 -22.63 -5.69
CA VAL A 155 -12.73 -22.35 -5.63
C VAL A 155 -13.50 -23.45 -6.37
N ALA A 156 -13.09 -23.75 -7.61
CA ALA A 156 -13.79 -24.78 -8.38
C ALA A 156 -13.63 -26.15 -7.75
N THR A 157 -12.39 -26.56 -7.45
CA THR A 157 -12.16 -27.94 -7.04
C THR A 157 -12.68 -28.21 -5.63
N ARG A 158 -12.26 -27.39 -4.67
CA ARG A 158 -12.60 -27.68 -3.28
C ARG A 158 -13.99 -27.20 -2.87
N HIS A 159 -14.46 -26.09 -3.46
CA HIS A 159 -15.63 -25.37 -2.95
C HIS A 159 -16.83 -25.48 -3.87
N GLU A 160 -16.75 -24.92 -5.09
CA GLU A 160 -17.90 -24.86 -5.96
C GLU A 160 -18.31 -26.25 -6.45
N ASP A 161 -17.35 -27.16 -6.62
CA ASP A 161 -17.67 -28.52 -7.05
C ASP A 161 -18.25 -29.35 -5.92
N ARG A 162 -17.84 -29.07 -4.68
CA ARG A 162 -18.41 -29.78 -3.55
C ARG A 162 -19.87 -29.39 -3.34
N LEU A 163 -20.28 -28.27 -3.88
CA LEU A 163 -21.64 -27.81 -3.75
C LEU A 163 -22.46 -28.46 -4.81
N THR A 164 -21.90 -28.52 -5.99
CA THR A 164 -22.61 -29.06 -7.15
C THR A 164 -22.98 -30.52 -6.96
N GLU A 165 -22.18 -31.30 -6.22
CA GLU A 165 -22.52 -32.71 -6.00
C GLU A 165 -23.47 -32.90 -4.82
N LEU A 166 -23.46 -32.00 -3.84
CA LEU A 166 -24.42 -32.14 -2.75
C LEU A 166 -25.84 -31.81 -3.20
N LEU A 167 -25.97 -31.11 -4.31
CA LEU A 167 -27.24 -30.85 -4.97
C LEU A 167 -27.17 -31.44 -6.38
N GLY A 168 -28.24 -31.30 -7.13
CA GLY A 168 -28.16 -31.61 -8.54
C GLY A 168 -27.28 -30.61 -9.27
N ARG A 169 -26.45 -31.12 -10.19
CA ARG A 169 -25.74 -30.21 -11.09
C ARG A 169 -26.71 -29.30 -11.83
N ASP A 170 -27.89 -29.82 -12.17
CA ASP A 170 -28.99 -29.02 -12.70
C ASP A 170 -29.69 -28.24 -11.59
N ASN A 171 -29.81 -28.82 -10.39
CA ASN A 171 -30.42 -28.12 -9.26
C ASN A 171 -29.61 -26.91 -8.83
N ARG A 172 -28.29 -27.04 -8.86
CA ARG A 172 -27.44 -25.94 -8.45
C ARG A 172 -27.57 -24.79 -9.45
N ASP A 173 -27.69 -25.13 -10.73
CA ASP A 173 -27.91 -24.12 -11.74
C ASP A 173 -29.28 -23.45 -11.59
N ALA A 174 -30.27 -24.21 -11.13
CA ALA A 174 -31.58 -23.63 -10.86
C ALA A 174 -31.54 -22.74 -9.64
N LEU A 175 -30.82 -23.15 -8.60
CA LEU A 175 -30.63 -22.30 -7.43
C LEU A 175 -29.94 -20.98 -7.83
N LEU A 176 -28.86 -21.09 -8.59
CA LEU A 176 -28.13 -19.91 -9.03
C LEU A 176 -28.96 -19.00 -9.91
N SER A 177 -29.81 -19.59 -10.76
CA SER A 177 -30.71 -18.79 -11.56
C SER A 177 -31.71 -18.04 -10.69
N MET A 178 -32.24 -18.69 -9.66
CA MET A 178 -33.28 -18.06 -8.85
C MET A 178 -32.70 -16.93 -8.01
N LEU A 179 -31.53 -17.15 -7.41
CA LEU A 179 -30.91 -16.09 -6.64
C LEU A 179 -30.58 -14.91 -7.53
N ALA A 180 -30.19 -15.19 -8.77
CA ALA A 180 -29.92 -14.12 -9.74
C ALA A 180 -31.20 -13.37 -10.07
N THR A 181 -32.30 -14.10 -10.29
CA THR A 181 -33.60 -13.47 -10.47
C THR A 181 -34.02 -12.66 -9.25
N ILE A 182 -33.86 -13.21 -8.05
CA ILE A 182 -34.30 -12.47 -6.86
C ILE A 182 -33.65 -11.10 -6.82
N ALA A 183 -32.35 -11.03 -7.12
CA ALA A 183 -31.65 -9.76 -7.19
C ALA A 183 -32.07 -8.87 -8.34
N ARG A 184 -33.36 -8.93 -8.75
CA ARG A 184 -33.99 -8.15 -9.84
C ARG A 184 -35.36 -8.74 -10.23
N SER C 43 34.72 30.62 -25.21
CA SER C 43 34.78 29.20 -25.52
C SER C 43 34.07 28.37 -24.46
N GLU C 44 34.55 27.14 -24.29
CA GLU C 44 34.14 26.25 -23.20
C GLU C 44 35.33 26.03 -22.28
N LEU C 45 35.05 25.85 -21.00
CA LEU C 45 36.11 25.82 -20.00
C LEU C 45 36.81 24.48 -19.97
N LYS C 46 38.13 24.52 -19.75
CA LYS C 46 38.95 23.32 -19.74
C LYS C 46 38.84 22.70 -18.35
N MET C 47 38.39 21.46 -18.28
CA MET C 47 38.09 20.95 -16.94
C MET C 47 39.33 20.46 -16.20
N GLY C 48 40.50 20.50 -16.83
CA GLY C 48 41.75 20.25 -16.13
C GLY C 48 41.72 18.96 -15.33
N GLU C 49 42.37 19.00 -14.17
CA GLU C 49 42.43 17.87 -13.28
C GLU C 49 41.10 17.56 -12.59
N LEU C 50 40.13 18.46 -12.70
CA LEU C 50 38.84 18.23 -12.05
C LEU C 50 38.19 16.96 -12.58
N SER C 51 38.41 16.65 -13.87
CA SER C 51 37.87 15.45 -14.51
C SER C 51 38.35 14.16 -13.86
N GLU C 52 39.45 14.22 -13.11
CA GLU C 52 40.05 13.04 -12.50
C GLU C 52 39.78 12.91 -10.99
N LEU C 53 39.06 13.86 -10.37
CA LEU C 53 38.69 13.74 -8.97
C LEU C 53 37.46 12.85 -8.85
N LEU C 54 37.58 11.72 -8.15
CA LEU C 54 36.48 10.77 -8.10
C LEU C 54 35.32 11.29 -7.27
N GLY C 55 35.62 11.97 -6.16
CA GLY C 55 34.56 12.64 -5.41
C GLY C 55 33.69 13.53 -6.27
N TYR C 56 34.31 14.37 -7.10
CA TYR C 56 33.55 15.28 -7.94
C TYR C 56 32.66 14.51 -8.91
N ALA C 57 33.20 13.50 -9.59
CA ALA C 57 32.38 12.71 -10.52
C ALA C 57 31.25 11.99 -9.79
N LEU C 58 31.52 11.53 -8.56
CA LEU C 58 30.51 10.90 -7.73
C LEU C 58 29.35 11.85 -7.45
N LYS C 59 29.64 13.08 -7.04
CA LYS C 59 28.57 14.03 -6.71
C LYS C 59 27.71 14.37 -7.92
N ARG C 60 28.31 14.63 -9.08
CA ARG C 60 27.51 15.01 -10.24
C ARG C 60 26.73 13.82 -10.79
N ALA C 61 27.28 12.61 -10.72
CA ALA C 61 26.50 11.43 -11.07
C ALA C 61 25.32 11.27 -10.13
N GLN C 62 25.55 11.48 -8.82
CA GLN C 62 24.47 11.37 -7.84
C GLN C 62 23.39 12.42 -8.08
N LEU C 63 23.78 13.64 -8.44
CA LEU C 63 22.79 14.70 -8.59
C LEU C 63 21.89 14.46 -9.80
N ARG C 64 22.42 13.99 -10.92
CA ARG C 64 21.52 13.78 -12.04
C ARG C 64 20.61 12.60 -11.76
N VAL C 65 21.14 11.56 -11.13
CA VAL C 65 20.32 10.40 -10.85
C VAL C 65 19.19 10.77 -9.89
N PHE C 66 19.52 11.52 -8.83
CA PHE C 66 18.49 11.96 -7.90
C PHE C 66 17.47 12.85 -8.58
N GLU C 67 17.95 13.80 -9.38
CA GLU C 67 17.03 14.67 -10.13
C GLU C 67 16.15 13.86 -11.08
N ASP C 68 16.74 12.90 -11.80
CA ASP C 68 15.92 12.04 -12.64
C ASP C 68 14.95 11.19 -11.80
N PHE C 69 15.36 10.80 -10.59
CA PHE C 69 14.46 10.05 -9.69
C PHE C 69 13.19 10.83 -9.39
N LEU C 70 13.33 12.09 -8.96
CA LEU C 70 12.17 12.91 -8.60
C LEU C 70 11.15 12.99 -9.73
N HIS C 71 11.61 13.27 -10.95
CA HIS C 71 10.68 13.37 -12.07
C HIS C 71 9.91 12.06 -12.26
N CYS C 72 10.63 10.93 -12.28
CA CYS C 72 10.00 9.64 -12.52
C CYS C 72 8.95 9.31 -11.46
N VAL C 73 9.27 9.61 -10.19
CA VAL C 73 8.45 9.13 -9.09
C VAL C 73 7.46 10.19 -8.63
N ALA C 74 7.45 11.35 -9.27
CA ALA C 74 6.55 12.43 -8.88
C ALA C 74 5.06 12.08 -8.94
N PRO C 75 4.58 11.17 -9.80
CA PRO C 75 3.17 10.77 -9.70
C PRO C 75 2.76 10.26 -8.32
N VAL C 76 3.68 9.65 -7.56
CA VAL C 76 3.37 9.18 -6.21
C VAL C 76 3.88 10.13 -5.13
N GLN C 77 4.66 11.15 -5.52
CA GLN C 77 5.16 12.17 -4.61
C GLN C 77 5.99 11.56 -3.47
N LEU C 78 7.20 11.13 -3.81
CA LEU C 78 8.17 10.60 -2.84
C LEU C 78 9.54 11.14 -3.16
N THR C 79 10.22 11.68 -2.15
CA THR C 79 11.64 11.95 -2.29
C THR C 79 12.40 10.63 -2.35
N PRO C 80 13.65 10.64 -2.82
CA PRO C 80 14.46 9.42 -2.69
C PRO C 80 14.60 8.95 -1.25
N ALA C 81 14.72 9.88 -0.32
CA ALA C 81 14.78 9.53 1.09
C ALA C 81 13.51 8.85 1.55
N GLN C 82 12.37 9.47 1.26
CA GLN C 82 11.10 8.87 1.65
C GLN C 82 10.93 7.49 1.02
N PHE C 83 11.34 7.36 -0.25
CA PHE C 83 11.25 6.07 -0.92
C PHE C 83 11.98 4.98 -0.14
N SER C 84 13.24 5.22 0.22
CA SER C 84 14.03 4.21 0.89
C SER C 84 13.46 3.88 2.26
N VAL C 85 12.92 4.90 2.95
CA VAL C 85 12.29 4.63 4.25
C VAL C 85 11.15 3.64 4.08
N LEU C 86 10.32 3.82 3.05
CA LEU C 86 9.30 2.83 2.75
C LEU C 86 9.95 1.53 2.29
N LEU C 87 11.01 1.62 1.49
CA LEU C 87 11.66 0.41 1.02
C LEU C 87 12.16 -0.43 2.18
N LEU C 88 12.80 0.20 3.16
CA LEU C 88 13.32 -0.53 4.31
C LEU C 88 12.21 -1.01 5.23
N LEU C 89 11.17 -0.20 5.43
CA LEU C 89 10.04 -0.63 6.25
C LEU C 89 9.36 -1.87 5.69
N ASP C 90 9.21 -1.96 4.36
CA ASP C 90 8.59 -3.17 3.83
C ASP C 90 9.50 -4.37 4.03
N ALA C 91 10.81 -4.17 3.89
CA ALA C 91 11.74 -5.29 4.06
C ALA C 91 11.91 -5.70 5.52
N ASN C 92 11.81 -4.76 6.47
CA ASN C 92 12.13 -5.02 7.87
C ASN C 92 11.01 -4.54 8.80
N PRO C 93 9.91 -5.29 8.89
CA PRO C 93 8.89 -4.93 9.87
C PRO C 93 9.41 -5.25 11.27
N GLY C 94 8.83 -4.58 12.26
CA GLY C 94 9.25 -4.85 13.62
C GLY C 94 10.45 -4.07 14.12
N ARG C 95 11.06 -3.23 13.29
CA ARG C 95 12.17 -2.41 13.73
C ARG C 95 11.66 -1.12 14.33
N ASN C 96 12.54 -0.42 15.06
CA ASN C 96 12.19 0.85 15.67
C ASN C 96 12.89 2.02 14.94
N GLN C 97 12.63 3.24 15.41
CA GLN C 97 13.19 4.39 14.74
C GLN C 97 14.70 4.32 14.71
N THR C 98 15.33 4.10 15.85
CA THR C 98 16.80 4.07 15.88
C THR C 98 17.36 3.05 14.89
N GLU C 99 16.71 1.91 14.74
CA GLU C 99 17.25 0.87 13.87
C GLU C 99 17.11 1.22 12.40
N ILE C 100 15.93 1.71 12.01
CA ILE C 100 15.72 2.17 10.62
C ILE C 100 16.61 3.37 10.30
N ALA C 101 16.56 4.41 11.14
CA ALA C 101 17.29 5.65 10.87
C ALA C 101 18.80 5.43 10.78
N THR C 102 19.39 4.66 11.70
CA THR C 102 20.85 4.47 11.62
C THR C 102 21.23 3.67 10.39
N THR C 103 20.38 2.75 9.95
CA THR C 103 20.70 1.98 8.75
C THR C 103 20.80 2.87 7.51
N LEU C 104 20.04 3.97 7.47
CA LEU C 104 19.94 4.85 6.32
C LEU C 104 20.88 6.02 6.37
N GLY C 105 21.61 6.19 7.46
CA GLY C 105 22.43 7.36 7.62
C GLY C 105 21.70 8.59 8.12
N ILE C 106 20.41 8.50 8.42
CA ILE C 106 19.69 9.63 9.01
C ILE C 106 19.97 9.66 10.51
N LEU C 107 20.31 10.84 11.02
CA LEU C 107 20.45 11.01 12.46
C LEU C 107 19.06 11.02 13.08
N ARG C 108 18.96 10.47 14.29
CA ARG C 108 17.63 10.25 14.86
C ARG C 108 16.86 11.53 15.16
N PRO C 109 17.48 12.67 15.51
CA PRO C 109 16.66 13.89 15.65
C PRO C 109 16.03 14.35 14.35
N ASN C 110 16.71 14.15 13.22
CA ASN C 110 16.13 14.52 11.92
C ASN C 110 15.11 13.50 11.41
N PHE C 111 15.14 12.26 11.91
CA PHE C 111 14.19 11.26 11.43
C PHE C 111 12.78 11.53 11.96
N VAL C 112 12.65 12.32 13.02
CA VAL C 112 11.33 12.56 13.61
C VAL C 112 10.42 13.21 12.59
N ALA C 113 10.88 14.33 12.00
CA ALA C 113 10.08 15.05 11.01
C ALA C 113 9.80 14.20 9.77
N MET C 114 10.79 13.42 9.34
CA MET C 114 10.56 12.55 8.19
C MET C 114 9.47 11.53 8.48
N LEU C 115 9.48 10.92 9.65
CA LEU C 115 8.44 9.95 9.96
C LEU C 115 7.10 10.65 10.18
N ASP C 116 7.10 11.82 10.83
CA ASP C 116 5.87 12.59 11.00
C ASP C 116 5.11 12.77 9.68
N ALA C 117 5.85 13.12 8.60
CA ALA C 117 5.25 13.27 7.27
C ALA C 117 4.60 11.97 6.79
N LEU C 118 5.36 10.87 6.77
CA LEU C 118 4.83 9.61 6.28
C LEU C 118 3.62 9.18 7.09
N GLU C 119 3.62 9.47 8.39
CA GLU C 119 2.44 9.19 9.21
C GLU C 119 1.29 10.11 8.85
N GLY C 120 1.59 11.39 8.58
CA GLY C 120 0.54 12.33 8.19
C GLY C 120 -0.17 11.90 6.92
N ARG C 121 0.60 11.37 5.96
CA ARG C 121 0.05 10.86 4.72
C ARG C 121 -0.50 9.44 4.85
N GLY C 122 -0.57 8.91 6.07
CA GLY C 122 -1.13 7.59 6.29
C GLY C 122 -0.35 6.46 5.66
N LEU C 123 0.97 6.61 5.49
CA LEU C 123 1.75 5.55 4.85
C LEU C 123 2.43 4.61 5.84
N CYS C 124 2.65 5.03 7.09
CA CYS C 124 3.21 4.15 8.11
C CYS C 124 2.71 4.64 9.46
N VAL C 125 2.84 3.77 10.48
CA VAL C 125 2.36 4.04 11.83
C VAL C 125 3.45 3.73 12.84
N ARG C 126 3.44 4.49 13.93
CA ARG C 126 4.27 4.24 15.10
C ARG C 126 3.45 3.45 16.13
N THR C 127 4.01 2.34 16.59
CA THR C 127 3.41 1.55 17.68
C THR C 127 4.42 1.40 18.81
N ARG C 128 3.97 1.64 20.04
CA ARG C 128 4.88 1.51 21.17
C ARG C 128 5.16 0.03 21.39
N SER C 129 6.43 -0.31 21.52
CA SER C 129 6.82 -1.71 21.66
C SER C 129 6.30 -2.26 22.98
N PRO C 130 5.51 -3.34 22.98
CA PRO C 130 5.07 -3.89 24.27
C PRO C 130 6.23 -4.34 25.12
N SER C 131 7.29 -4.84 24.48
CA SER C 131 8.47 -5.31 25.20
C SER C 131 9.15 -4.19 25.98
N ASP C 132 9.53 -3.12 25.28
CA ASP C 132 10.29 -2.00 25.84
C ASP C 132 9.58 -0.72 25.44
N ARG C 133 8.76 -0.20 26.32
CA ARG C 133 7.89 0.93 25.93
C ARG C 133 8.61 2.25 25.79
N ARG C 134 9.93 2.24 25.77
CA ARG C 134 10.69 3.40 25.32
C ARG C 134 10.70 3.51 23.79
N SER C 135 10.47 2.40 23.08
CA SER C 135 10.64 2.25 21.64
C SER C 135 9.34 2.44 20.87
N HIS C 136 9.50 2.77 19.59
CA HIS C 136 8.40 2.86 18.63
C HIS C 136 8.57 1.80 17.56
N ILE C 137 7.63 0.89 17.45
CA ILE C 137 7.71 -0.07 16.35
C ILE C 137 7.05 0.57 15.13
N LEU C 138 7.65 0.36 13.96
CA LEU C 138 7.20 1.01 12.72
C LEU C 138 6.72 -0.05 11.74
N MET C 139 5.48 0.08 11.29
CA MET C 139 4.95 -0.77 10.26
C MET C 139 4.31 0.09 9.19
N LEU C 140 4.37 -0.41 7.95
CA LEU C 140 3.66 0.22 6.86
C LEU C 140 2.16 -0.03 6.97
N THR C 141 1.36 0.93 6.50
CA THR C 141 -0.05 0.67 6.31
C THR C 141 -0.26 -0.01 4.95
N ASP C 142 -1.50 -0.41 4.66
CA ASP C 142 -1.79 -0.89 3.31
C ASP C 142 -1.57 0.21 2.28
N LYS C 143 -2.08 1.41 2.57
CA LYS C 143 -1.82 2.55 1.70
C LYS C 143 -0.33 2.77 1.50
N GLY C 144 0.44 2.75 2.58
CA GLY C 144 1.87 2.86 2.40
C GLY C 144 2.41 1.74 1.54
N ARG C 145 1.95 0.51 1.78
CA ARG C 145 2.42 -0.62 1.01
C ARG C 145 1.98 -0.50 -0.45
N ALA C 146 0.77 0.03 -0.67
CA ALA C 146 0.25 0.24 -2.02
C ALA C 146 1.01 1.36 -2.74
N THR C 147 1.12 2.53 -2.11
CA THR C 147 1.91 3.60 -2.75
C THR C 147 3.38 3.23 -2.86
N LEU C 148 3.92 2.44 -1.93
CA LEU C 148 5.27 1.93 -2.15
C LEU C 148 5.34 1.11 -3.42
N ALA C 149 4.35 0.24 -3.63
CA ALA C 149 4.33 -0.64 -4.80
C ALA C 149 4.30 0.17 -6.07
N ARG C 150 3.48 1.22 -6.08
CA ARG C 150 3.32 2.03 -7.27
C ARG C 150 4.63 2.73 -7.61
N ALA C 151 5.28 3.31 -6.61
CA ALA C 151 6.58 3.92 -6.82
C ALA C 151 7.62 2.88 -7.26
N LYS C 152 7.53 1.69 -6.74
CA LYS C 152 8.50 0.66 -7.05
C LYS C 152 8.69 0.43 -8.53
N LYS C 153 7.59 0.40 -9.27
CA LYS C 153 7.65 0.18 -10.72
C LYS C 153 7.98 1.44 -11.50
N LEU C 154 7.40 2.60 -11.11
CA LEU C 154 7.85 3.85 -11.72
C LEU C 154 9.36 4.01 -11.58
N VAL C 155 9.94 3.51 -10.50
CA VAL C 155 11.39 3.56 -10.35
C VAL C 155 12.03 2.53 -11.28
N ALA C 156 11.53 1.29 -11.25
CA ALA C 156 12.13 0.23 -12.06
C ALA C 156 12.00 0.52 -13.55
N THR C 157 10.80 0.85 -14.01
CA THR C 157 10.59 0.99 -15.45
C THR C 157 11.15 2.31 -15.98
N ARG C 158 10.77 3.44 -15.36
CA ARG C 158 11.14 4.76 -15.88
C ARG C 158 12.57 5.20 -15.52
N HIS C 159 13.11 4.76 -14.38
CA HIS C 159 14.34 5.33 -13.84
C HIS C 159 15.50 4.32 -13.91
N GLU C 160 15.45 3.27 -13.10
CA GLU C 160 16.58 2.35 -13.00
C GLU C 160 16.81 1.62 -14.31
N ASP C 161 15.77 1.50 -15.13
CA ASP C 161 15.94 0.97 -16.47
C ASP C 161 16.57 1.99 -17.43
N ARG C 162 16.37 3.30 -17.24
CA ARG C 162 16.94 4.26 -18.21
C ARG C 162 18.45 4.35 -18.08
N LEU C 163 18.99 4.13 -16.89
CA LEU C 163 20.43 4.13 -16.67
C LEU C 163 21.07 2.74 -16.77
N THR C 164 20.36 1.64 -16.52
CA THR C 164 21.00 0.35 -16.79
C THR C 164 21.27 0.13 -18.28
N GLU C 165 20.42 0.71 -19.12
CA GLU C 165 20.48 0.57 -20.57
C GLU C 165 21.43 1.59 -21.18
N LEU C 166 21.52 2.74 -20.57
CA LEU C 166 22.45 3.68 -21.08
C LEU C 166 23.76 2.91 -21.07
N LEU C 167 24.20 2.47 -19.91
CA LEU C 167 25.44 1.71 -19.83
C LEU C 167 25.19 0.28 -20.11
N GLY C 168 26.24 -0.54 -20.02
CA GLY C 168 25.98 -1.96 -20.24
C GLY C 168 25.15 -2.52 -19.10
N ARG C 169 24.20 -3.39 -19.38
CA ARG C 169 23.47 -3.98 -18.28
C ARG C 169 24.54 -4.63 -17.46
N ASP C 170 25.42 -5.37 -18.12
CA ASP C 170 26.52 -6.02 -17.41
C ASP C 170 27.44 -5.01 -16.74
N ASN C 171 27.72 -3.88 -17.40
CA ASN C 171 28.58 -2.86 -16.82
C ASN C 171 27.95 -2.22 -15.59
N ARG C 172 26.63 -2.02 -15.61
CA ARG C 172 25.95 -1.36 -14.50
C ARG C 172 25.98 -2.23 -13.23
N ASP C 173 25.96 -3.56 -13.39
CA ASP C 173 26.16 -4.42 -12.22
C ASP C 173 27.55 -4.25 -11.63
N ALA C 174 28.55 -3.95 -12.47
CA ALA C 174 29.90 -3.72 -11.98
C ALA C 174 30.01 -2.39 -11.22
N LEU C 175 29.37 -1.33 -11.72
CA LEU C 175 29.38 -0.04 -11.05
C LEU C 175 28.84 -0.13 -9.62
N LEU C 176 27.67 -0.76 -9.45
CA LEU C 176 27.07 -0.84 -8.11
C LEU C 176 27.91 -1.70 -7.16
N SER C 177 28.56 -2.73 -7.66
CA SER C 177 29.47 -3.47 -6.80
C SER C 177 30.59 -2.55 -6.32
N MET C 178 31.06 -1.66 -7.20
CA MET C 178 32.12 -0.73 -6.84
C MET C 178 31.63 0.33 -5.86
N LEU C 179 30.45 0.90 -6.09
CA LEU C 179 29.93 1.89 -5.15
C LEU C 179 29.69 1.28 -3.78
N ALA C 180 29.23 0.03 -3.75
CA ALA C 180 29.03 -0.66 -2.47
C ALA C 180 30.35 -0.88 -1.75
N THR C 181 31.40 -1.24 -2.49
CA THR C 181 32.74 -1.44 -1.91
C THR C 181 33.24 -0.17 -1.23
N ILE C 182 33.06 0.98 -1.89
CA ILE C 182 33.57 2.24 -1.38
C ILE C 182 33.03 2.53 0.01
N ALA C 183 31.74 2.36 0.22
CA ALA C 183 31.23 2.32 1.57
C ALA C 183 31.78 1.03 2.15
N ARG C 184 32.53 1.07 3.27
CA ARG C 184 33.09 -0.15 3.87
C ARG C 184 34.31 -0.63 3.04
N SER E 43 20.25 -10.31 14.90
CA SER E 43 19.26 -9.28 14.59
C SER E 43 19.90 -7.98 14.07
N GLU E 44 20.47 -8.06 12.86
CA GLU E 44 20.92 -6.90 12.08
C GLU E 44 20.02 -6.81 10.87
N LEU E 45 19.82 -5.61 10.36
CA LEU E 45 18.76 -5.37 9.38
C LEU E 45 19.14 -5.84 7.99
N LYS E 46 18.14 -6.37 7.26
CA LYS E 46 18.34 -6.82 5.88
C LYS E 46 18.11 -5.65 4.93
N MET E 47 19.11 -5.38 4.10
CA MET E 47 19.11 -4.25 3.18
C MET E 47 18.11 -4.29 2.06
N GLY E 48 17.66 -5.48 1.74
CA GLY E 48 16.57 -5.63 0.79
C GLY E 48 16.84 -5.09 -0.60
N GLU E 49 15.79 -4.52 -1.21
CA GLU E 49 15.90 -3.91 -2.52
C GLU E 49 16.66 -2.59 -2.47
N LEU E 50 16.93 -2.07 -1.27
CA LEU E 50 17.68 -0.83 -1.15
C LEU E 50 19.10 -0.98 -1.68
N SER E 51 19.72 -2.16 -1.48
CA SER E 51 21.08 -2.43 -1.97
C SER E 51 21.18 -2.39 -3.49
N GLU E 52 20.06 -2.55 -4.19
CA GLU E 52 20.01 -2.57 -5.64
C GLU E 52 19.59 -1.22 -6.22
N LEU E 53 19.31 -0.25 -5.36
CA LEU E 53 18.98 1.09 -5.82
C LEU E 53 20.26 1.87 -6.09
N LEU E 54 20.46 2.27 -7.35
CA LEU E 54 21.71 2.90 -7.73
C LEU E 54 21.81 4.29 -7.13
N GLY E 55 20.72 5.05 -7.13
CA GLY E 55 20.71 6.35 -6.49
C GLY E 55 21.24 6.30 -5.08
N TYR E 56 20.70 5.39 -4.26
CA TYR E 56 21.12 5.25 -2.87
C TYR E 56 22.60 4.91 -2.76
N ALA E 57 23.06 3.93 -3.55
CA ALA E 57 24.46 3.53 -3.51
C ALA E 57 25.38 4.66 -3.96
N LEU E 58 24.93 5.42 -4.96
CA LEU E 58 25.71 6.56 -5.43
C LEU E 58 25.88 7.59 -4.31
N LYS E 59 24.78 7.94 -3.64
CA LYS E 59 24.81 8.92 -2.55
C LYS E 59 25.69 8.46 -1.39
N ARG E 60 25.55 7.19 -0.99
CA ARG E 60 26.34 6.74 0.14
C ARG E 60 27.82 6.60 -0.19
N ALA E 61 28.14 6.27 -1.44
CA ALA E 61 29.53 6.34 -1.87
C ALA E 61 30.05 7.78 -1.80
N GLN E 62 29.22 8.73 -2.24
CA GLN E 62 29.65 10.13 -2.29
C GLN E 62 29.97 10.67 -0.91
N LEU E 63 29.18 10.30 0.12
CA LEU E 63 29.39 10.89 1.43
C LEU E 63 30.67 10.40 2.11
N ARG E 64 30.98 9.11 2.01
CA ARG E 64 32.21 8.66 2.66
C ARG E 64 33.44 9.17 1.92
N VAL E 65 33.37 9.27 0.59
CA VAL E 65 34.50 9.80 -0.18
C VAL E 65 34.78 11.25 0.20
N PHE E 66 33.71 12.06 0.29
CA PHE E 66 33.85 13.44 0.74
C PHE E 66 34.31 13.51 2.20
N GLU E 67 33.75 12.63 3.05
CA GLU E 67 34.19 12.54 4.45
C GLU E 67 35.69 12.36 4.50
N ASP E 68 36.19 11.46 3.66
CA ASP E 68 37.61 11.19 3.61
C ASP E 68 38.42 12.35 3.03
N PHE E 69 37.88 13.04 2.03
CA PHE E 69 38.56 14.19 1.44
C PHE E 69 38.86 15.24 2.49
N LEU E 70 37.84 15.60 3.28
CA LEU E 70 38.05 16.60 4.33
C LEU E 70 39.17 16.18 5.26
N HIS E 71 39.16 14.93 5.71
CA HIS E 71 40.24 14.45 6.57
C HIS E 71 41.59 14.56 5.85
N CYS E 72 41.67 14.08 4.61
CA CYS E 72 42.92 14.13 3.86
C CYS E 72 43.45 15.54 3.63
N VAL E 73 42.58 16.54 3.39
CA VAL E 73 43.05 17.89 3.08
C VAL E 73 42.92 18.84 4.28
N ALA E 74 42.50 18.34 5.45
CA ALA E 74 42.23 19.22 6.59
C ALA E 74 43.40 20.10 7.02
N PRO E 75 44.67 19.70 6.95
CA PRO E 75 45.75 20.66 7.23
C PRO E 75 45.74 21.86 6.30
N VAL E 76 45.19 21.72 5.09
CA VAL E 76 45.13 22.82 4.13
C VAL E 76 43.80 23.55 4.19
N GLN E 77 42.80 22.98 4.87
CA GLN E 77 41.52 23.61 5.10
C GLN E 77 40.88 24.06 3.78
N LEU E 78 40.46 23.06 3.00
CA LEU E 78 39.72 23.31 1.78
C LEU E 78 38.57 22.32 1.73
N THR E 79 37.36 22.82 1.53
CA THR E 79 36.28 21.92 1.22
C THR E 79 36.54 21.33 -0.15
N PRO E 80 35.91 20.20 -0.48
CA PRO E 80 35.99 19.67 -1.85
C PRO E 80 35.54 20.69 -2.87
N ALA E 81 34.54 21.51 -2.51
CA ALA E 81 34.12 22.60 -3.37
C ALA E 81 35.22 23.64 -3.54
N GLN E 82 35.79 24.11 -2.42
CA GLN E 82 36.86 25.11 -2.49
C GLN E 82 38.04 24.59 -3.28
N PHE E 83 38.43 23.34 -3.05
CA PHE E 83 39.49 22.73 -3.84
C PHE E 83 39.15 22.80 -5.32
N SER E 84 37.89 22.47 -5.65
CA SER E 84 37.45 22.49 -7.03
C SER E 84 37.50 23.91 -7.63
N VAL E 85 37.12 24.93 -6.86
CA VAL E 85 37.22 26.30 -7.35
C VAL E 85 38.67 26.68 -7.66
N LEU E 86 39.60 26.33 -6.78
CA LEU E 86 41.01 26.58 -7.04
C LEU E 86 41.51 25.76 -8.22
N LEU E 87 41.02 24.52 -8.36
CA LEU E 87 41.42 23.68 -9.49
C LEU E 87 40.99 24.31 -10.82
N LEU E 88 39.77 24.85 -10.85
CA LEU E 88 39.25 25.44 -12.08
C LEU E 88 39.92 26.77 -12.40
N LEU E 89 40.22 27.57 -11.37
CA LEU E 89 40.95 28.82 -11.59
C LEU E 89 42.32 28.58 -12.20
N ASP E 90 43.01 27.55 -11.74
CA ASP E 90 44.35 27.28 -12.26
C ASP E 90 44.30 26.84 -13.72
N ALA E 91 43.32 25.99 -14.09
CA ALA E 91 43.21 25.54 -15.47
C ALA E 91 42.68 26.63 -16.40
N ASN E 92 41.88 27.56 -15.87
CA ASN E 92 41.18 28.57 -16.69
C ASN E 92 41.36 29.97 -16.13
N PRO E 93 42.53 30.58 -16.28
CA PRO E 93 42.66 31.99 -15.91
C PRO E 93 41.91 32.81 -16.94
N GLY E 94 41.53 34.02 -16.53
CA GLY E 94 40.83 34.90 -17.43
C GLY E 94 39.33 34.71 -17.48
N ARG E 95 38.79 33.74 -16.77
CA ARG E 95 37.35 33.60 -16.81
C ARG E 95 36.71 34.46 -15.71
N ASN E 96 35.40 34.64 -15.79
CA ASN E 96 34.70 35.43 -14.80
C ASN E 96 33.88 34.55 -13.86
N GLN E 97 33.21 35.19 -12.91
CA GLN E 97 32.46 34.44 -11.91
C GLN E 97 31.40 33.56 -12.55
N THR E 98 30.55 34.13 -13.40
CA THR E 98 29.51 33.34 -14.05
C THR E 98 30.11 32.15 -14.78
N GLU E 99 31.27 32.32 -15.42
CA GLU E 99 31.82 31.21 -16.18
C GLU E 99 32.30 30.09 -15.27
N ILE E 100 33.10 30.42 -14.24
CA ILE E 100 33.55 29.40 -13.29
C ILE E 100 32.39 28.80 -12.53
N ALA E 101 31.56 29.65 -11.93
CA ALA E 101 30.47 29.17 -11.09
C ALA E 101 29.55 28.26 -11.87
N THR E 102 29.22 28.62 -13.12
CA THR E 102 28.31 27.80 -13.91
C THR E 102 28.91 26.45 -14.23
N THR E 103 30.23 26.41 -14.42
CA THR E 103 30.90 25.14 -14.72
C THR E 103 30.82 24.18 -13.54
N LEU E 104 30.77 24.70 -12.32
CA LEU E 104 30.82 23.91 -11.11
C LEU E 104 29.44 23.57 -10.59
N GLY E 105 28.38 24.06 -11.21
CA GLY E 105 27.05 23.81 -10.72
C GLY E 105 26.61 24.70 -9.56
N ILE E 106 27.45 25.65 -9.15
CA ILE E 106 27.10 26.60 -8.11
C ILE E 106 26.24 27.71 -8.70
N LEU E 107 25.17 28.08 -8.03
CA LEU E 107 24.43 29.25 -8.47
C LEU E 107 25.22 30.50 -8.09
N ARG E 108 25.14 31.53 -8.94
CA ARG E 108 26.03 32.66 -8.75
C ARG E 108 25.78 33.47 -7.45
N PRO E 109 24.53 33.54 -6.95
CA PRO E 109 24.40 34.16 -5.61
C PRO E 109 25.11 33.35 -4.54
N ASN E 110 25.12 32.02 -4.67
CA ASN E 110 25.82 31.15 -3.75
C ASN E 110 27.33 31.16 -3.96
N PHE E 111 27.78 31.53 -5.16
CA PHE E 111 29.20 31.60 -5.43
C PHE E 111 29.86 32.84 -4.85
N VAL E 112 29.08 33.87 -4.54
CA VAL E 112 29.68 35.12 -4.07
C VAL E 112 30.39 34.89 -2.74
N ALA E 113 29.68 34.31 -1.76
CA ALA E 113 30.26 34.10 -0.43
C ALA E 113 31.45 33.14 -0.51
N MET E 114 31.35 32.12 -1.36
CA MET E 114 32.45 31.20 -1.56
C MET E 114 33.68 31.92 -2.11
N LEU E 115 33.49 32.84 -3.06
CA LEU E 115 34.63 33.60 -3.55
C LEU E 115 35.14 34.57 -2.50
N ASP E 116 34.23 35.23 -1.79
CA ASP E 116 34.65 36.11 -0.70
C ASP E 116 35.59 35.39 0.25
N ALA E 117 35.22 34.16 0.67
CA ALA E 117 36.04 33.37 1.58
C ALA E 117 37.43 33.11 1.00
N LEU E 118 37.49 32.48 -0.18
CA LEU E 118 38.78 32.15 -0.79
C LEU E 118 39.62 33.40 -0.99
N GLU E 119 38.98 34.52 -1.34
CA GLU E 119 39.67 35.79 -1.46
C GLU E 119 40.11 36.33 -0.09
N GLY E 120 39.31 36.10 0.94
CA GLY E 120 39.69 36.59 2.26
C GLY E 120 41.05 36.10 2.72
N ARG E 121 41.36 34.84 2.47
CA ARG E 121 42.68 34.34 2.79
C ARG E 121 43.70 34.67 1.71
N GLY E 122 43.35 35.48 0.72
CA GLY E 122 44.31 35.83 -0.31
C GLY E 122 44.71 34.73 -1.25
N LEU E 123 43.81 33.78 -1.55
CA LEU E 123 44.13 32.71 -2.49
C LEU E 123 43.71 33.04 -3.92
N CYS E 124 42.79 33.98 -4.12
CA CYS E 124 42.43 34.43 -5.46
C CYS E 124 41.96 35.88 -5.42
N VAL E 125 41.98 36.56 -6.58
CA VAL E 125 41.60 37.97 -6.63
C VAL E 125 40.57 38.23 -7.71
N ARG E 126 39.66 39.16 -7.41
CA ARG E 126 38.71 39.67 -8.37
C ARG E 126 39.29 40.93 -8.97
N THR E 127 39.40 40.97 -10.30
CA THR E 127 39.82 42.17 -11.00
C THR E 127 38.75 42.49 -12.03
N ARG E 128 38.33 43.76 -12.08
CA ARG E 128 37.27 44.18 -12.99
C ARG E 128 37.78 44.13 -14.42
N SER E 129 37.01 43.50 -15.30
CA SER E 129 37.43 43.34 -16.70
C SER E 129 37.45 44.69 -17.43
N PRO E 130 38.58 45.07 -18.07
CA PRO E 130 38.61 46.32 -18.85
C PRO E 130 37.64 46.33 -20.02
N SER E 131 37.42 45.17 -20.64
CA SER E 131 36.48 45.10 -21.76
C SER E 131 35.06 45.43 -21.30
N ASP E 132 34.56 44.66 -20.33
CA ASP E 132 33.18 44.72 -19.85
C ASP E 132 33.26 44.82 -18.33
N ARG E 133 33.14 46.03 -17.78
CA ARG E 133 33.38 46.24 -16.35
C ARG E 133 32.23 45.76 -15.47
N ARG E 134 31.24 45.07 -16.04
CA ARG E 134 30.29 44.32 -15.25
C ARG E 134 30.89 43.04 -14.75
N SER E 135 31.90 42.52 -15.46
CA SER E 135 32.45 41.21 -15.21
C SER E 135 33.63 41.30 -14.27
N HIS E 136 33.78 40.25 -13.49
CA HIS E 136 34.91 40.08 -12.58
C HIS E 136 35.70 38.91 -13.10
N ILE E 137 36.88 39.18 -13.61
CA ILE E 137 37.76 38.10 -14.02
C ILE E 137 38.56 37.63 -12.81
N LEU E 138 38.69 36.30 -12.68
CA LEU E 138 39.22 35.64 -11.50
C LEU E 138 40.56 34.99 -11.83
N MET E 139 41.53 35.31 -11.00
CA MET E 139 42.89 34.82 -11.13
C MET E 139 43.38 34.30 -9.78
N LEU E 140 44.20 33.24 -9.80
CA LEU E 140 44.85 32.80 -8.56
C LEU E 140 45.99 33.73 -8.18
N THR E 141 46.22 33.85 -6.87
CA THR E 141 47.38 34.54 -6.32
C THR E 141 48.56 33.57 -6.24
N ASP E 142 49.73 34.10 -5.85
CA ASP E 142 50.86 33.21 -5.55
C ASP E 142 50.54 32.30 -4.38
N LYS E 143 50.01 32.89 -3.30
CA LYS E 143 49.57 32.09 -2.16
C LYS E 143 48.58 31.02 -2.61
N GLY E 144 47.64 31.39 -3.48
CA GLY E 144 46.70 30.43 -3.99
C GLY E 144 47.35 29.27 -4.73
N ARG E 145 48.33 29.57 -5.58
CA ARG E 145 48.94 28.50 -6.35
C ARG E 145 49.71 27.54 -5.45
N ALA E 146 50.37 28.07 -4.42
CA ALA E 146 51.09 27.23 -3.47
C ALA E 146 50.13 26.41 -2.63
N THR E 147 49.09 27.07 -2.10
CA THR E 147 48.07 26.37 -1.34
C THR E 147 47.36 25.33 -2.20
N LEU E 148 47.14 25.65 -3.47
CA LEU E 148 46.63 24.64 -4.39
C LEU E 148 47.63 23.52 -4.57
N ALA E 149 48.92 23.86 -4.63
CA ALA E 149 49.94 22.84 -4.88
C ALA E 149 49.97 21.78 -3.77
N ARG E 150 50.11 22.23 -2.53
CA ARG E 150 50.24 21.27 -1.44
C ARG E 150 48.96 20.48 -1.22
N ALA E 151 47.80 21.11 -1.34
CA ALA E 151 46.56 20.34 -1.30
C ALA E 151 46.52 19.33 -2.45
N LYS E 152 46.90 19.76 -3.65
CA LYS E 152 46.95 18.86 -4.81
C LYS E 152 47.74 17.59 -4.50
N LYS E 153 48.82 17.71 -3.71
CA LYS E 153 49.62 16.55 -3.30
C LYS E 153 48.94 15.78 -2.17
N LEU E 154 48.43 16.49 -1.17
CA LEU E 154 47.70 15.85 -0.08
C LEU E 154 46.52 15.03 -0.59
N VAL E 155 45.89 15.44 -1.69
CA VAL E 155 44.79 14.66 -2.23
C VAL E 155 45.29 13.40 -2.92
N ALA E 156 46.32 13.53 -3.77
CA ALA E 156 46.79 12.38 -4.56
C ALA E 156 47.36 11.25 -3.69
N THR E 157 48.24 11.57 -2.74
CA THR E 157 48.93 10.54 -1.97
C THR E 157 47.99 9.92 -0.93
N ARG E 158 47.35 10.77 -0.13
CA ARG E 158 46.55 10.35 1.03
C ARG E 158 45.16 9.84 0.65
N HIS E 159 44.54 10.39 -0.40
CA HIS E 159 43.13 10.17 -0.70
C HIS E 159 42.94 9.41 -2.01
N GLU E 160 43.35 10.03 -3.13
CA GLU E 160 43.17 9.46 -4.46
C GLU E 160 43.95 8.17 -4.68
N ASP E 161 45.11 8.02 -4.01
CA ASP E 161 45.83 6.75 -4.18
C ASP E 161 45.31 5.61 -3.30
N ARG E 162 44.84 5.92 -2.13
CA ARG E 162 44.32 4.85 -1.38
C ARG E 162 43.14 4.38 -2.15
N LEU E 163 42.23 5.29 -2.43
CA LEU E 163 40.97 4.86 -3.02
C LEU E 163 41.20 4.21 -4.37
N THR E 164 42.36 4.52 -4.93
CA THR E 164 42.75 4.00 -6.20
C THR E 164 43.17 2.56 -6.05
N GLU E 165 43.68 2.15 -4.90
CA GLU E 165 43.98 0.74 -4.87
C GLU E 165 42.97 -0.09 -4.12
N LEU E 166 42.19 0.51 -3.20
CA LEU E 166 41.20 -0.33 -2.52
C LEU E 166 40.14 -0.85 -3.48
N LEU E 167 40.41 -0.58 -4.75
CA LEU E 167 39.62 -1.02 -5.87
C LEU E 167 40.61 -1.28 -6.98
N GLY E 168 40.25 -2.10 -7.95
CA GLY E 168 41.23 -2.33 -9.00
C GLY E 168 41.67 -1.01 -9.62
N ARG E 169 43.00 -0.84 -9.80
CA ARG E 169 43.52 0.34 -10.48
C ARG E 169 42.98 0.47 -11.91
N ASP E 170 42.74 -0.66 -12.57
CA ASP E 170 42.02 -0.59 -13.85
C ASP E 170 40.54 -0.33 -13.62
N ASN E 171 39.97 -0.93 -12.58
CA ASN E 171 38.57 -0.74 -12.26
C ASN E 171 38.28 0.71 -11.90
N ARG E 172 39.24 1.39 -11.24
CA ARG E 172 38.99 2.76 -10.81
C ARG E 172 38.85 3.69 -11.98
N ASP E 173 39.65 3.51 -13.01
CA ASP E 173 39.49 4.34 -14.18
C ASP E 173 38.18 4.03 -14.90
N ALA E 174 37.71 2.78 -14.82
CA ALA E 174 36.42 2.43 -15.38
C ALA E 174 35.28 3.01 -14.56
N LEU E 175 35.39 2.97 -13.23
CA LEU E 175 34.38 3.61 -12.38
C LEU E 175 34.20 5.08 -12.71
N LEU E 176 35.30 5.84 -12.79
CA LEU E 176 35.20 7.26 -13.10
C LEU E 176 34.70 7.47 -14.53
N SER E 177 34.98 6.52 -15.42
CA SER E 177 34.35 6.51 -16.74
C SER E 177 32.84 6.43 -16.67
N MET E 178 32.30 5.56 -15.80
CA MET E 178 30.86 5.38 -15.77
C MET E 178 30.13 6.59 -15.20
N LEU E 179 30.69 7.20 -14.14
CA LEU E 179 30.05 8.37 -13.55
C LEU E 179 30.00 9.54 -14.54
N ALA E 180 31.04 9.72 -15.36
CA ALA E 180 31.04 10.85 -16.29
C ALA E 180 29.94 10.72 -17.34
N THR E 181 29.73 9.51 -17.88
CA THR E 181 28.60 9.24 -18.78
C THR E 181 27.24 9.53 -18.15
N ILE E 182 27.02 9.10 -16.91
CA ILE E 182 25.69 9.27 -16.31
C ILE E 182 25.29 10.73 -16.30
N ALA E 183 26.21 11.63 -15.94
CA ALA E 183 26.00 13.08 -15.98
C ALA E 183 25.91 13.69 -17.39
N ARG E 184 25.50 12.91 -18.39
CA ARG E 184 25.41 13.39 -19.77
C ARG E 184 24.08 12.96 -20.41
N SER G 43 -19.60 -0.47 -22.80
CA SER G 43 -19.65 0.61 -21.81
C SER G 43 -20.35 0.15 -20.53
N GLU G 44 -20.93 -1.05 -20.54
CA GLU G 44 -21.42 -1.71 -19.34
C GLU G 44 -20.50 -2.89 -19.02
N LEU G 45 -20.35 -3.17 -17.72
CA LEU G 45 -19.28 -4.07 -17.27
C LEU G 45 -19.62 -5.53 -17.45
N LYS G 46 -18.59 -6.32 -17.77
CA LYS G 46 -18.74 -7.75 -17.98
C LYS G 46 -18.72 -8.43 -16.62
N MET G 47 -19.77 -9.15 -16.30
CA MET G 47 -19.83 -9.72 -14.97
C MET G 47 -18.94 -10.95 -14.82
N GLY G 48 -18.30 -11.38 -15.91
CA GLY G 48 -17.30 -12.42 -15.86
C GLY G 48 -17.76 -13.69 -15.16
N GLU G 49 -16.82 -14.32 -14.45
CA GLU G 49 -17.13 -15.55 -13.74
C GLU G 49 -17.98 -15.33 -12.50
N LEU G 50 -18.16 -14.08 -12.04
CA LEU G 50 -18.99 -13.85 -10.87
C LEU G 50 -20.39 -14.38 -11.06
N SER G 51 -20.89 -14.37 -12.30
CA SER G 51 -22.22 -14.90 -12.56
C SER G 51 -22.33 -16.35 -12.13
N GLU G 52 -21.20 -17.05 -12.06
CA GLU G 52 -21.17 -18.45 -11.66
C GLU G 52 -20.64 -18.67 -10.25
N LEU G 53 -20.27 -17.61 -9.52
CA LEU G 53 -19.88 -17.76 -8.13
C LEU G 53 -21.16 -17.83 -7.30
N LEU G 54 -21.38 -18.98 -6.66
CA LEU G 54 -22.62 -19.19 -5.93
C LEU G 54 -22.63 -18.32 -4.68
N GLY G 55 -21.48 -18.21 -4.01
CA GLY G 55 -21.38 -17.32 -2.87
C GLY G 55 -21.92 -15.93 -3.17
N TYR G 56 -21.47 -15.34 -4.28
CA TYR G 56 -21.86 -13.98 -4.64
C TYR G 56 -23.37 -13.89 -4.88
N ALA G 57 -23.94 -14.85 -5.62
CA ALA G 57 -25.36 -14.82 -5.87
C ALA G 57 -26.14 -14.97 -4.57
N LEU G 58 -25.61 -15.79 -3.65
CA LEU G 58 -26.24 -15.99 -2.35
C LEU G 58 -26.28 -14.70 -1.53
N LYS G 59 -25.16 -13.98 -1.46
CA LYS G 59 -25.14 -12.75 -0.68
C LYS G 59 -26.04 -11.67 -1.31
N ARG G 60 -25.95 -11.46 -2.63
CA ARG G 60 -26.72 -10.37 -3.22
C ARG G 60 -28.21 -10.70 -3.24
N ALA G 61 -28.55 -11.98 -3.35
CA ALA G 61 -29.94 -12.38 -3.18
C ALA G 61 -30.43 -12.11 -1.76
N GLN G 62 -29.57 -12.34 -0.76
CA GLN G 62 -30.00 -12.12 0.61
C GLN G 62 -30.29 -10.65 0.90
N LEU G 63 -29.47 -9.74 0.38
CA LEU G 63 -29.62 -8.34 0.73
C LEU G 63 -30.90 -7.72 0.15
N ARG G 64 -31.29 -8.10 -1.07
CA ARG G 64 -32.56 -7.57 -1.57
C ARG G 64 -33.70 -8.08 -0.71
N VAL G 65 -33.63 -9.35 -0.31
CA VAL G 65 -34.66 -9.92 0.54
C VAL G 65 -34.68 -9.26 1.91
N PHE G 66 -33.51 -9.07 2.52
CA PHE G 66 -33.45 -8.40 3.81
C PHE G 66 -33.94 -6.96 3.70
N GLU G 67 -33.52 -6.26 2.65
CA GLU G 67 -33.98 -4.89 2.39
C GLU G 67 -35.49 -4.83 2.16
N ASP G 68 -36.02 -5.75 1.33
CA ASP G 68 -37.45 -5.82 1.10
C ASP G 68 -38.20 -6.18 2.38
N PHE G 69 -37.61 -7.05 3.20
CA PHE G 69 -38.22 -7.41 4.47
C PHE G 69 -38.34 -6.20 5.38
N LEU G 70 -37.25 -5.46 5.55
CA LEU G 70 -37.23 -4.29 6.41
C LEU G 70 -38.36 -3.32 6.05
N HIS G 71 -38.50 -3.05 4.76
CA HIS G 71 -39.49 -2.11 4.27
C HIS G 71 -40.91 -2.59 4.59
N CYS G 72 -41.25 -3.83 4.20
CA CYS G 72 -42.58 -4.38 4.42
C CYS G 72 -42.97 -4.39 5.89
N VAL G 73 -41.98 -4.61 6.75
CA VAL G 73 -42.21 -4.74 8.19
C VAL G 73 -41.97 -3.42 8.89
N ALA G 74 -41.62 -2.36 8.15
CA ALA G 74 -41.36 -1.07 8.79
C ALA G 74 -42.54 -0.50 9.57
N PRO G 75 -43.82 -0.72 9.20
CA PRO G 75 -44.93 -0.24 10.05
C PRO G 75 -44.88 -0.70 11.50
N VAL G 76 -44.24 -1.85 11.81
CA VAL G 76 -44.18 -2.33 13.19
C VAL G 76 -42.88 -2.01 13.89
N GLN G 77 -41.86 -1.57 13.16
CA GLN G 77 -40.50 -1.40 13.68
C GLN G 77 -39.97 -2.72 14.24
N LEU G 78 -39.66 -3.64 13.32
CA LEU G 78 -38.97 -4.87 13.65
C LEU G 78 -37.94 -5.18 12.56
N THR G 79 -36.68 -5.34 12.97
CA THR G 79 -35.67 -5.90 12.07
C THR G 79 -35.95 -7.38 11.84
N PRO G 80 -35.42 -7.96 10.78
CA PRO G 80 -35.57 -9.42 10.59
C PRO G 80 -35.08 -10.27 11.74
N ALA G 81 -33.99 -9.84 12.41
CA ALA G 81 -33.53 -10.57 13.58
C ALA G 81 -34.56 -10.48 14.70
N GLN G 82 -35.00 -9.26 15.02
CA GLN G 82 -36.01 -9.10 16.07
C GLN G 82 -37.25 -9.91 15.75
N PHE G 83 -37.65 -9.94 14.48
CA PHE G 83 -38.79 -10.75 14.08
C PHE G 83 -38.59 -12.20 14.48
N SER G 84 -37.45 -12.78 14.10
CA SER G 84 -37.20 -14.18 14.43
C SER G 84 -37.11 -14.40 15.94
N VAL G 85 -36.55 -13.44 16.68
CA VAL G 85 -36.52 -13.59 18.13
C VAL G 85 -37.92 -13.66 18.71
N LEU G 86 -38.83 -12.81 18.22
CA LEU G 86 -40.22 -12.93 18.66
C LEU G 86 -40.86 -14.23 18.16
N LEU G 87 -40.60 -14.63 16.91
CA LEU G 87 -41.19 -15.86 16.39
C LEU G 87 -40.77 -17.09 17.18
N LEU G 88 -39.48 -17.18 17.52
CA LEU G 88 -38.98 -18.36 18.20
C LEU G 88 -39.45 -18.40 19.66
N LEU G 89 -39.53 -17.24 20.30
CA LEU G 89 -40.13 -17.18 21.62
C LEU G 89 -41.57 -17.68 21.57
N ASP G 90 -42.29 -17.38 20.48
CA ASP G 90 -43.68 -17.81 20.40
C ASP G 90 -43.76 -19.32 20.30
N ALA G 91 -42.83 -19.94 19.57
CA ALA G 91 -42.78 -21.39 19.45
C ALA G 91 -42.17 -22.08 20.67
N ASN G 92 -41.28 -21.39 21.41
CA ASN G 92 -40.51 -22.00 22.51
C ASN G 92 -40.56 -21.11 23.75
N PRO G 93 -41.69 -21.10 24.45
CA PRO G 93 -41.77 -20.40 25.74
C PRO G 93 -41.05 -21.17 26.84
N GLY G 94 -40.68 -20.43 27.90
CA GLY G 94 -40.04 -21.08 29.03
C GLY G 94 -38.54 -21.25 28.91
N ARG G 95 -37.94 -20.83 27.81
CA ARG G 95 -36.52 -20.97 27.60
C ARG G 95 -35.75 -19.81 28.25
N ASN G 96 -34.43 -19.91 28.25
CA ASN G 96 -33.58 -18.85 28.77
C ASN G 96 -32.81 -18.18 27.62
N GLN G 97 -32.02 -17.16 27.96
CA GLN G 97 -31.29 -16.42 26.93
C GLN G 97 -30.33 -17.33 26.16
N THR G 98 -29.47 -18.05 26.88
CA THR G 98 -28.46 -18.86 26.19
C THR G 98 -29.12 -19.78 25.16
N GLU G 99 -30.29 -20.34 25.49
CA GLU G 99 -30.97 -21.27 24.59
C GLU G 99 -31.56 -20.56 23.37
N ILE G 100 -32.25 -19.44 23.60
CA ILE G 100 -32.79 -18.66 22.48
C ILE G 100 -31.65 -18.10 21.63
N ALA G 101 -30.67 -17.49 22.27
CA ALA G 101 -29.57 -16.83 21.53
C ALA G 101 -28.81 -17.82 20.66
N THR G 102 -28.46 -18.99 21.22
CA THR G 102 -27.59 -19.93 20.50
C THR G 102 -28.29 -20.53 19.30
N THR G 103 -29.60 -20.74 19.41
CA THR G 103 -30.38 -21.33 18.32
C THR G 103 -30.46 -20.38 17.13
N LEU G 104 -30.29 -19.08 17.36
CA LEU G 104 -30.37 -18.10 16.29
C LEU G 104 -29.02 -17.71 15.72
N GLY G 105 -27.92 -18.17 16.30
CA GLY G 105 -26.59 -17.76 15.90
C GLY G 105 -26.12 -16.47 16.51
N ILE G 106 -26.93 -15.88 17.38
CA ILE G 106 -26.57 -14.66 18.11
C ILE G 106 -25.61 -15.05 19.21
N LEU G 107 -24.50 -14.34 19.33
CA LEU G 107 -23.67 -14.62 20.49
C LEU G 107 -24.34 -14.04 21.71
N ARG G 108 -24.10 -14.68 22.84
CA ARG G 108 -24.86 -14.31 24.02
C ARG G 108 -24.49 -12.91 24.51
N PRO G 109 -23.23 -12.47 24.41
CA PRO G 109 -22.95 -11.06 24.71
C PRO G 109 -23.68 -10.08 23.81
N ASN G 110 -23.87 -10.43 22.54
CA ASN G 110 -24.63 -9.61 21.61
C ASN G 110 -26.13 -9.69 21.83
N PHE G 111 -26.61 -10.69 22.54
CA PHE G 111 -28.04 -10.83 22.74
C PHE G 111 -28.58 -9.90 23.80
N VAL G 112 -27.71 -9.38 24.66
CA VAL G 112 -28.18 -8.63 25.83
C VAL G 112 -28.92 -7.38 25.39
N ALA G 113 -28.24 -6.53 24.61
CA ALA G 113 -28.85 -5.28 24.15
C ALA G 113 -30.06 -5.57 23.28
N MET G 114 -30.00 -6.65 22.51
CA MET G 114 -31.11 -7.05 21.67
C MET G 114 -32.37 -7.32 22.48
N LEU G 115 -32.24 -8.01 23.63
CA LEU G 115 -33.39 -8.19 24.51
C LEU G 115 -33.77 -6.90 25.21
N ASP G 116 -32.77 -6.13 25.66
CA ASP G 116 -33.03 -4.83 26.27
C ASP G 116 -34.01 -4.03 25.41
N ALA G 117 -33.80 -4.04 24.09
CA ALA G 117 -34.69 -3.38 23.17
C ALA G 117 -36.11 -3.95 23.24
N LEU G 118 -36.24 -5.26 22.99
CA LEU G 118 -37.56 -5.88 22.98
C LEU G 118 -38.26 -5.78 24.33
N GLU G 119 -37.51 -5.89 25.42
CA GLU G 119 -38.16 -5.71 26.72
C GLU G 119 -38.51 -4.25 26.97
N GLY G 120 -37.63 -3.34 26.55
CA GLY G 120 -37.93 -1.92 26.66
C GLY G 120 -39.20 -1.55 25.92
N ARG G 121 -39.43 -2.21 24.78
CA ARG G 121 -40.65 -2.07 24.00
C ARG G 121 -41.81 -2.85 24.58
N GLY G 122 -41.62 -3.50 25.73
CA GLY G 122 -42.69 -4.25 26.37
C GLY G 122 -43.20 -5.44 25.57
N LEU G 123 -42.36 -6.04 24.72
CA LEU G 123 -42.77 -7.19 23.92
C LEU G 123 -42.42 -8.54 24.53
N CYS G 124 -41.46 -8.60 25.46
CA CYS G 124 -41.11 -9.81 26.18
C CYS G 124 -40.48 -9.41 27.50
N VAL G 125 -40.46 -10.34 28.46
CA VAL G 125 -39.90 -10.06 29.78
C VAL G 125 -38.95 -11.16 30.21
N ARG G 126 -37.93 -10.75 30.98
CA ARG G 126 -36.98 -11.64 31.64
C ARG G 126 -37.49 -11.93 33.04
N THR G 127 -37.65 -13.21 33.38
CA THR G 127 -38.01 -13.59 34.76
C THR G 127 -37.03 -14.65 35.26
N ARG G 128 -36.53 -14.50 36.49
CA ARG G 128 -35.58 -15.46 37.06
C ARG G 128 -36.27 -16.76 37.45
N SER G 129 -35.78 -17.92 36.97
CA SER G 129 -36.38 -19.20 37.41
C SER G 129 -36.02 -19.44 38.88
N PRO G 130 -37.00 -19.73 39.74
CA PRO G 130 -36.69 -19.94 41.18
C PRO G 130 -35.67 -21.04 41.48
N SER G 131 -35.65 -22.11 40.68
CA SER G 131 -34.69 -23.20 40.89
C SER G 131 -33.25 -22.71 40.75
N ASP G 132 -32.93 -22.09 39.61
CA ASP G 132 -31.58 -21.68 39.27
C ASP G 132 -31.70 -20.19 38.97
N ARG G 133 -31.38 -19.32 39.94
CA ARG G 133 -31.65 -17.91 39.70
C ARG G 133 -30.59 -17.23 38.81
N ARG G 134 -29.68 -18.00 38.23
CA ARG G 134 -28.79 -17.51 37.18
C ARG G 134 -29.50 -17.39 35.84
N SER G 135 -30.58 -18.14 35.62
CA SER G 135 -31.22 -18.17 34.31
C SER G 135 -32.35 -17.16 34.27
N HIS G 136 -32.58 -16.61 33.09
CA HIS G 136 -33.65 -15.66 32.82
C HIS G 136 -34.62 -16.37 31.89
N ILE G 137 -35.79 -16.61 32.35
CA ILE G 137 -36.79 -17.21 31.47
C ILE G 137 -37.55 -16.12 30.72
N LEU G 138 -37.75 -16.36 29.42
CA LEU G 138 -38.28 -15.37 28.46
C LEU G 138 -39.59 -15.86 27.86
N MET G 139 -40.64 -15.03 27.98
CA MET G 139 -41.88 -15.28 27.26
C MET G 139 -42.36 -13.94 26.72
N LEU G 140 -43.06 -13.98 25.59
CA LEU G 140 -43.66 -12.77 25.03
C LEU G 140 -44.84 -12.31 25.88
N THR G 141 -45.03 -11.00 25.91
CA THR G 141 -46.17 -10.42 26.57
C THR G 141 -47.38 -10.49 25.65
N ASP G 142 -48.53 -10.04 26.17
CA ASP G 142 -49.67 -9.84 25.29
C ASP G 142 -49.33 -8.86 24.19
N LYS G 143 -48.67 -7.75 24.55
CA LYS G 143 -48.13 -6.81 23.57
C LYS G 143 -47.23 -7.49 22.56
N GLY G 144 -46.33 -8.35 23.04
CA GLY G 144 -45.43 -9.05 22.15
C GLY G 144 -46.15 -9.88 21.11
N ARG G 145 -47.18 -10.60 21.52
CA ARG G 145 -47.89 -11.45 20.57
C ARG G 145 -48.67 -10.61 19.56
N ALA G 146 -49.24 -9.47 19.99
CA ALA G 146 -50.00 -8.62 19.09
C ALA G 146 -49.10 -8.05 18.00
N THR G 147 -47.94 -7.55 18.42
CA THR G 147 -46.95 -7.07 17.49
C THR G 147 -46.48 -8.18 16.55
N LEU G 148 -46.40 -9.41 17.06
CA LEU G 148 -46.02 -10.56 16.22
C LEU G 148 -47.10 -10.97 15.23
N ALA G 149 -48.36 -11.06 15.68
CA ALA G 149 -49.44 -11.48 14.78
C ALA G 149 -49.43 -10.59 13.57
N ARG G 150 -49.28 -9.31 13.84
CA ARG G 150 -49.32 -8.29 12.81
C ARG G 150 -48.17 -8.37 11.87
N ALA G 151 -46.97 -8.44 12.42
CA ALA G 151 -45.81 -8.51 11.54
C ALA G 151 -45.91 -9.73 10.66
N LYS G 152 -46.35 -10.87 11.24
CA LYS G 152 -46.54 -12.09 10.47
C LYS G 152 -47.45 -11.85 9.27
N LYS G 153 -48.50 -11.05 9.47
CA LYS G 153 -49.41 -10.71 8.37
C LYS G 153 -48.74 -9.78 7.37
N LEU G 154 -48.02 -8.75 7.84
CA LEU G 154 -47.29 -7.88 6.94
C LEU G 154 -46.26 -8.62 6.09
N VAL G 155 -45.52 -9.56 6.68
CA VAL G 155 -44.51 -10.25 5.87
C VAL G 155 -45.16 -11.24 4.92
N ALA G 156 -46.17 -11.97 5.39
CA ALA G 156 -46.84 -12.98 4.58
C ALA G 156 -47.47 -12.37 3.32
N THR G 157 -48.15 -11.23 3.47
CA THR G 157 -48.84 -10.59 2.34
C THR G 157 -47.90 -9.78 1.43
N ARG G 158 -47.13 -8.85 2.02
CA ARG G 158 -46.30 -7.94 1.21
C ARG G 158 -44.98 -8.55 0.76
N HIS G 159 -44.39 -9.47 1.54
CA HIS G 159 -43.01 -9.92 1.34
C HIS G 159 -42.95 -11.33 0.85
N GLU G 160 -43.35 -12.32 1.66
CA GLU G 160 -43.20 -13.72 1.31
C GLU G 160 -44.11 -14.08 0.13
N ASP G 161 -45.29 -13.48 0.08
CA ASP G 161 -46.20 -13.79 -1.02
C ASP G 161 -45.72 -13.15 -2.31
N ARG G 162 -45.14 -11.95 -2.21
CA ARG G 162 -44.67 -11.26 -3.40
C ARG G 162 -43.46 -11.95 -4.01
N LEU G 163 -42.67 -12.65 -3.20
CA LEU G 163 -41.48 -13.30 -3.71
C LEU G 163 -41.78 -14.70 -4.24
N THR G 164 -42.78 -15.37 -3.66
CA THR G 164 -43.23 -16.64 -4.18
C THR G 164 -43.79 -16.48 -5.58
N GLU G 165 -44.38 -15.34 -5.85
CA GLU G 165 -44.99 -14.99 -7.12
C GLU G 165 -43.97 -14.61 -8.19
N LEU G 166 -42.81 -14.06 -7.80
CA LEU G 166 -41.77 -13.79 -8.79
C LEU G 166 -41.06 -15.08 -9.22
N LEU G 167 -41.22 -16.16 -8.49
CA LEU G 167 -40.79 -17.45 -8.98
C LEU G 167 -42.01 -18.34 -9.08
N GLY G 168 -41.78 -19.58 -9.52
CA GLY G 168 -42.84 -20.55 -9.43
C GLY G 168 -43.16 -20.84 -7.98
N ARG G 169 -44.44 -20.96 -7.66
CA ARG G 169 -44.75 -21.38 -6.30
C ARG G 169 -44.07 -22.70 -5.96
N ASP G 170 -43.92 -23.61 -6.93
CA ASP G 170 -43.12 -24.81 -6.74
C ASP G 170 -41.63 -24.52 -6.80
N ASN G 171 -41.21 -23.60 -7.66
CA ASN G 171 -39.80 -23.25 -7.76
C ASN G 171 -39.29 -22.66 -6.45
N ARG G 172 -40.12 -21.87 -5.77
CA ARG G 172 -39.72 -21.23 -4.50
C ARG G 172 -39.57 -22.26 -3.38
N ASP G 173 -40.46 -23.25 -3.32
CA ASP G 173 -40.29 -24.28 -2.31
C ASP G 173 -39.05 -25.12 -2.55
N ALA G 174 -38.64 -25.28 -3.80
CA ALA G 174 -37.39 -25.97 -4.07
C ALA G 174 -36.22 -25.10 -3.63
N LEU G 175 -36.31 -23.79 -3.85
CA LEU G 175 -35.29 -22.87 -3.36
C LEU G 175 -35.15 -22.96 -1.85
N LEU G 176 -36.27 -22.89 -1.12
CA LEU G 176 -36.21 -22.98 0.35
C LEU G 176 -35.69 -24.35 0.80
N SER G 177 -36.03 -25.41 0.05
CA SER G 177 -35.49 -26.74 0.35
C SER G 177 -33.98 -26.78 0.21
N MET G 178 -33.47 -26.21 -0.88
CA MET G 178 -32.03 -26.28 -1.14
C MET G 178 -31.24 -25.40 -0.18
N LEU G 179 -31.74 -24.19 0.11
CA LEU G 179 -31.06 -23.34 1.08
C LEU G 179 -31.05 -23.98 2.45
N ALA G 180 -32.12 -24.70 2.79
CA ALA G 180 -32.13 -25.44 4.06
C ALA G 180 -31.10 -26.56 4.04
N THR G 181 -31.02 -27.29 2.92
CA THR G 181 -30.02 -28.34 2.76
C THR G 181 -28.61 -27.81 2.96
N ILE G 182 -28.29 -26.65 2.35
CA ILE G 182 -26.96 -26.06 2.44
C ILE G 182 -26.57 -25.76 3.87
N ALA G 183 -27.50 -25.25 4.68
CA ALA G 183 -27.22 -24.98 6.08
C ALA G 183 -26.99 -26.20 6.97
N ARG G 184 -26.54 -27.34 6.39
CA ARG G 184 -26.30 -28.65 7.03
C ARG G 184 -26.01 -29.74 5.99
#